data_5KIQ
#
_entry.id   5KIQ
#
_cell.length_a   173.911
_cell.length_b   46.766
_cell.length_c   65.169
_cell.angle_alpha   90.000
_cell.angle_beta   102.730
_cell.angle_gamma   90.000
#
_symmetry.space_group_name_H-M   'C 1 2 1'
#
loop_
_entity.id
_entity.type
_entity.pdbx_description
1 polymer 'Platelet-binding glycoprotein'
2 branched 'N-acetyl-alpha-neuraminic acid-(2-3)-beta-D-galactopyranose-(1-4)-[alpha-L-fucopyranose-(1-3)]2-acetamido-2-deoxy-beta-D-glucopyranose'
3 non-polymer 'CALCIUM ION'
4 non-polymer 'ACETATE ION'
5 water water
#
_entity_poly.entity_id   1
_entity_poly.type   'polypeptide(L)'
_entity_poly.pdbx_seq_one_letter_code
;TDTTPPTITVPSDIIAYRGEEFEFYFEITDDSGQVKNIELSTFGKPLGLNWLEYSEDNFNVPGNATSDNPLRVRVHGTVP
LNEPIPADKNRAQFTRTIRAWDAAGNVSSNITFVIKYRAQTDKYNPADPTITYVDRLSSLSPSEKNAVEAAVRAANPQIP
AAARITVSANGTVTITYPDSSTDTITANRVVKDLASS
;
_entity_poly.pdbx_strand_id   A,B
#
# COMPACT_ATOMS: atom_id res chain seq x y z
N THR A 1 -28.83 7.30 -61.51
CA THR A 1 -28.16 6.33 -60.64
C THR A 1 -27.08 6.97 -59.76
N ASP A 2 -26.86 6.33 -58.63
CA ASP A 2 -25.84 6.76 -57.67
C ASP A 2 -24.50 6.19 -58.09
N THR A 3 -23.55 7.09 -58.39
CA THR A 3 -22.22 6.71 -58.79
C THR A 3 -21.15 7.32 -57.85
N THR A 4 -21.58 7.97 -56.79
CA THR A 4 -20.66 8.73 -55.95
C THR A 4 -20.44 8.00 -54.62
N PRO A 5 -19.20 7.68 -54.27
CA PRO A 5 -19.07 7.03 -52.96
C PRO A 5 -19.26 7.94 -51.74
N PRO A 6 -19.37 7.32 -50.55
CA PRO A 6 -19.49 8.09 -49.30
C PRO A 6 -18.25 8.97 -49.01
N THR A 7 -18.42 9.98 -48.16
CA THR A 7 -17.35 10.90 -47.74
C THR A 7 -17.09 10.74 -46.25
N ILE A 8 -15.84 10.47 -45.92
CA ILE A 8 -15.47 10.23 -44.53
C ILE A 8 -14.67 11.38 -43.93
N THR A 9 -15.08 11.80 -42.73
CA THR A 9 -14.30 12.74 -41.93
C THR A 9 -13.58 12.00 -40.79
N VAL A 10 -12.26 12.20 -40.68
CA VAL A 10 -11.46 11.57 -39.64
C VAL A 10 -10.97 12.62 -38.63
N PRO A 11 -10.85 12.21 -37.34
CA PRO A 11 -10.28 13.10 -36.33
C PRO A 11 -8.78 13.36 -36.58
N SER A 12 -8.31 14.58 -36.29
CA SER A 12 -6.96 14.94 -36.71
C SER A 12 -5.86 14.65 -35.66
N ASP A 13 -6.23 14.52 -34.40
CA ASP A 13 -5.20 14.29 -33.37
C ASP A 13 -5.67 13.22 -32.38
N ILE A 14 -5.51 11.95 -32.78
CA ILE A 14 -5.95 10.81 -31.98
C ILE A 14 -4.80 10.40 -31.09
N ILE A 15 -4.98 10.55 -29.78
CA ILE A 15 -3.96 10.22 -28.82
CA ILE A 15 -3.95 10.20 -28.82
C ILE A 15 -4.50 9.20 -27.81
N ALA A 16 -3.82 8.07 -27.69
CA ALA A 16 -4.23 7.03 -26.75
C ALA A 16 -3.10 6.83 -25.78
N TYR A 17 -3.46 6.51 -24.55
CA TYR A 17 -2.46 6.19 -23.54
C TYR A 17 -2.51 4.70 -23.25
N ARG A 18 -1.35 4.06 -23.18
CA ARG A 18 -1.28 2.61 -23.00
C ARG A 18 -2.09 2.17 -21.78
N GLY A 19 -2.95 1.18 -21.96
CA GLY A 19 -3.70 0.68 -20.83
C GLY A 19 -5.00 1.41 -20.51
N GLU A 20 -5.28 2.48 -21.25
CA GLU A 20 -6.45 3.31 -20.98
C GLU A 20 -7.38 3.34 -22.18
N GLU A 21 -8.64 2.94 -21.97
CA GLU A 21 -9.66 2.94 -23.03
C GLU A 21 -9.70 4.26 -23.77
N PHE A 22 -9.77 4.18 -25.09
CA PHE A 22 -9.84 5.39 -25.91
C PHE A 22 -11.08 5.25 -26.75
N GLU A 23 -11.54 6.39 -27.24
CA GLU A 23 -12.56 6.35 -28.27
C GLU A 23 -12.44 7.55 -29.17
N PHE A 24 -12.86 7.35 -30.42
CA PHE A 24 -12.98 8.45 -31.35
C PHE A 24 -14.03 8.08 -32.39
N TYR A 25 -14.45 9.05 -33.17
CA TYR A 25 -15.50 8.82 -34.14
C TYR A 25 -15.08 9.16 -35.54
N PHE A 26 -15.52 8.32 -36.47
CA PHE A 26 -15.58 8.71 -37.90
C PHE A 26 -16.95 9.27 -38.17
N GLU A 27 -17.03 10.31 -39.00
CA GLU A 27 -18.33 10.82 -39.48
C GLU A 27 -18.44 10.55 -40.95
N ILE A 28 -19.52 9.87 -41.38
CA ILE A 28 -19.63 9.50 -42.80
C ILE A 28 -20.96 9.97 -43.39
N THR A 29 -20.90 10.57 -44.58
CA THR A 29 -22.13 10.97 -45.28
C THR A 29 -22.13 10.34 -46.69
N ASP A 30 -23.30 10.19 -47.31
CA ASP A 30 -23.42 9.79 -48.70
C ASP A 30 -24.54 10.57 -49.34
N ASP A 31 -24.42 10.82 -50.63
CA ASP A 31 -25.47 11.57 -51.30
C ASP A 31 -26.83 10.85 -51.25
N SER A 32 -26.84 9.52 -51.20
CA SER A 32 -28.06 8.71 -51.11
C SER A 32 -28.66 8.74 -49.74
N GLY A 33 -27.85 9.18 -48.76
CA GLY A 33 -28.23 9.14 -47.37
C GLY A 33 -28.10 7.80 -46.66
N GLN A 34 -27.59 6.76 -47.35
CA GLN A 34 -27.45 5.41 -46.79
C GLN A 34 -26.03 4.88 -47.00
N VAL A 35 -25.37 4.51 -45.90
CA VAL A 35 -24.07 3.84 -45.93
C VAL A 35 -24.30 2.37 -45.52
N LYS A 36 -23.75 1.43 -46.28
CA LYS A 36 -23.96 -0.01 -46.05
C LYS A 36 -23.01 -0.57 -45.02
N ASN A 37 -21.72 -0.28 -45.19
CA ASN A 37 -20.71 -0.80 -44.26
C ASN A 37 -19.36 -0.09 -44.45
N ILE A 38 -18.39 -0.38 -43.59
CA ILE A 38 -17.05 0.20 -43.73
C ILE A 38 -16.02 -0.92 -43.77
N GLU A 39 -14.77 -0.57 -44.06
CA GLU A 39 -13.63 -1.50 -43.85
C GLU A 39 -12.47 -0.71 -43.25
N LEU A 40 -11.95 -1.17 -42.10
CA LEU A 40 -10.70 -0.66 -41.56
C LEU A 40 -9.59 -1.59 -42.02
N SER A 41 -8.51 -1.05 -42.57
CA SER A 41 -7.44 -1.90 -43.10
C SER A 41 -6.07 -1.26 -42.92
N THR A 42 -5.03 -1.99 -43.31
CA THR A 42 -3.70 -1.36 -43.47
C THR A 42 -3.42 -1.17 -44.96
N PHE A 43 -3.92 -0.09 -45.53
CA PHE A 43 -3.86 0.15 -46.97
C PHE A 43 -4.30 -1.08 -47.80
N GLY A 44 -5.45 -1.64 -47.45
CA GLY A 44 -5.96 -2.77 -48.18
C GLY A 44 -5.58 -4.14 -47.65
N LYS A 45 -4.67 -4.21 -46.69
CA LYS A 45 -4.33 -5.50 -46.09
C LYS A 45 -5.03 -5.69 -44.76
N PRO A 46 -4.91 -6.83 -44.12
CA PRO A 46 -5.53 -6.91 -42.80
C PRO A 46 -5.13 -5.77 -41.84
N LEU A 47 -6.08 -5.39 -41.00
CA LEU A 47 -5.90 -4.34 -40.01
C LEU A 47 -4.75 -4.64 -39.03
N GLY A 48 -4.68 -5.87 -38.58
CA GLY A 48 -3.59 -6.28 -37.68
C GLY A 48 -3.55 -5.58 -36.32
N LEU A 49 -4.68 -5.08 -35.86
CA LEU A 49 -4.80 -4.49 -34.52
C LEU A 49 -6.00 -5.10 -33.81
N ASN A 50 -5.81 -6.26 -33.20
CA ASN A 50 -6.97 -6.98 -32.68
C ASN A 50 -7.66 -6.28 -31.52
N TRP A 51 -7.00 -5.24 -30.97
CA TRP A 51 -7.58 -4.47 -29.86
C TRP A 51 -8.44 -3.30 -30.30
N LEU A 52 -8.52 -3.06 -31.61
CA LEU A 52 -9.33 -1.98 -32.14
C LEU A 52 -10.69 -2.54 -32.48
N GLU A 53 -11.74 -1.90 -31.99
CA GLU A 53 -13.10 -2.37 -32.20
C GLU A 53 -13.99 -1.24 -32.71
N TYR A 54 -15.09 -1.59 -33.37
CA TYR A 54 -16.08 -0.59 -33.72
C TYR A 54 -17.46 -1.19 -33.80
N SER A 55 -18.44 -0.31 -33.66
CA SER A 55 -19.84 -0.67 -33.66
C SER A 55 -20.44 -0.67 -35.09
N GLU A 56 -21.23 -1.71 -35.42
CA GLU A 56 -21.95 -1.74 -36.68
C GLU A 56 -23.38 -1.28 -36.51
N ASP A 57 -23.61 -0.62 -35.38
CA ASP A 57 -24.93 -0.06 -35.13
C ASP A 57 -25.38 0.86 -36.26
N ASN A 58 -26.60 0.60 -36.73
CA ASN A 58 -27.27 1.45 -37.73
CA ASN A 58 -27.25 1.45 -37.72
C ASN A 58 -26.65 1.33 -39.11
N PHE A 59 -25.84 0.31 -39.34
CA PHE A 59 -25.34 0.10 -40.71
C PHE A 59 -26.45 -0.37 -41.68
N ASN A 60 -26.36 0.06 -42.95
CA ASN A 60 -27.25 -0.39 -44.01
C ASN A 60 -28.73 -0.18 -43.68
N VAL A 61 -29.01 0.98 -43.11
CA VAL A 61 -30.37 1.46 -42.84
C VAL A 61 -30.61 2.73 -43.65
N PRO A 62 -31.75 2.79 -44.37
CA PRO A 62 -32.08 3.99 -45.14
C PRO A 62 -31.97 5.24 -44.26
N GLY A 63 -31.36 6.31 -44.76
CA GLY A 63 -31.28 7.56 -44.04
C GLY A 63 -30.25 7.69 -42.90
N ASN A 64 -29.37 6.70 -42.76
CA ASN A 64 -28.38 6.71 -41.67
C ASN A 64 -27.13 7.60 -41.86
N ALA A 65 -27.03 8.29 -42.98
CA ALA A 65 -25.78 9.00 -43.33
C ALA A 65 -26.00 10.25 -44.19
N THR A 66 -26.71 11.22 -43.62
CA THR A 66 -26.98 12.47 -44.31
C THR A 66 -26.07 13.58 -43.84
N SER A 67 -26.02 14.66 -44.61
CA SER A 67 -25.25 15.83 -44.23
C SER A 67 -25.63 16.38 -42.86
N ASP A 68 -26.93 16.46 -42.58
CA ASP A 68 -27.43 16.90 -41.28
C ASP A 68 -27.25 15.88 -40.18
N ASN A 69 -27.37 14.59 -40.51
CA ASN A 69 -27.21 13.50 -39.53
C ASN A 69 -26.27 12.41 -40.06
N PRO A 70 -24.97 12.69 -40.00
CA PRO A 70 -23.95 11.76 -40.51
C PRO A 70 -23.99 10.43 -39.76
N LEU A 71 -23.54 9.38 -40.39
CA LEU A 71 -23.29 8.13 -39.67
C LEU A 71 -22.07 8.35 -38.75
N ARG A 72 -22.26 8.20 -37.45
CA ARG A 72 -21.15 8.42 -36.54
C ARG A 72 -20.69 7.06 -36.04
N VAL A 73 -19.51 6.63 -36.47
CA VAL A 73 -19.04 5.28 -36.15
C VAL A 73 -18.08 5.35 -34.97
N ARG A 74 -18.49 4.75 -33.85
CA ARG A 74 -17.70 4.78 -32.62
C ARG A 74 -16.63 3.72 -32.69
N VAL A 75 -15.37 4.17 -32.60
CA VAL A 75 -14.22 3.28 -32.64
C VAL A 75 -13.64 3.33 -31.26
N HIS A 76 -13.24 2.18 -30.74
CA HIS A 76 -12.77 2.17 -29.37
C HIS A 76 -11.86 0.99 -29.14
N GLY A 77 -11.16 1.01 -28.03
CA GLY A 77 -10.28 -0.09 -27.71
C GLY A 77 -9.31 0.31 -26.63
N THR A 78 -8.38 -0.58 -26.33
CA THR A 78 -7.31 -0.27 -25.41
C THR A 78 -5.97 -0.68 -25.99
N VAL A 79 -5.07 0.28 -26.14
CA VAL A 79 -3.71 -0.02 -26.55
C VAL A 79 -3.09 -0.86 -25.45
N PRO A 80 -2.53 -2.01 -25.81
CA PRO A 80 -2.00 -2.93 -24.77
C PRO A 80 -0.99 -2.23 -23.87
N LEU A 81 -1.02 -2.60 -22.58
CA LEU A 81 -0.22 -1.97 -21.55
C LEU A 81 1.24 -1.87 -21.93
N ASN A 82 1.72 -2.91 -22.58
CA ASN A 82 3.13 -2.98 -22.84
C ASN A 82 3.48 -2.83 -24.31
N GLU A 83 2.59 -2.16 -25.06
CA GLU A 83 2.92 -1.82 -26.45
C GLU A 83 4.19 -0.98 -26.45
N PRO A 84 5.20 -1.40 -27.21
CA PRO A 84 6.53 -0.75 -27.14
C PRO A 84 6.57 0.68 -27.69
N ILE A 85 7.24 1.55 -26.94
CA ILE A 85 7.52 2.91 -27.35
C ILE A 85 9.03 3.04 -27.52
N PRO A 86 9.48 3.28 -28.75
CA PRO A 86 10.92 3.32 -29.03
C PRO A 86 11.59 4.60 -28.50
N ALA A 87 12.89 4.73 -28.74
CA ALA A 87 13.67 5.83 -28.18
C ALA A 87 13.13 7.19 -28.57
N ASP A 88 12.75 7.33 -29.84
CA ASP A 88 12.06 8.53 -30.30
C ASP A 88 10.57 8.25 -30.17
N LYS A 89 9.89 8.88 -29.22
CA LYS A 89 8.53 8.47 -28.86
C LYS A 89 7.52 8.87 -29.95
N ASN A 90 7.96 9.72 -30.86
CA ASN A 90 7.10 10.08 -32.00
C ASN A 90 6.81 8.89 -32.92
N ARG A 91 7.64 7.85 -32.83
CA ARG A 91 7.45 6.67 -33.65
C ARG A 91 6.32 5.80 -33.13
N ALA A 92 5.83 6.13 -31.95
CA ALA A 92 4.78 5.34 -31.31
C ALA A 92 3.44 5.72 -31.92
N GLN A 93 3.17 5.18 -33.10
CA GLN A 93 1.88 5.42 -33.76
C GLN A 93 1.56 4.35 -34.81
N PHE A 94 0.27 4.23 -35.16
CA PHE A 94 -0.16 3.34 -36.24
C PHE A 94 -0.95 4.15 -37.28
N THR A 95 -0.49 4.14 -38.51
CA THR A 95 -1.25 4.72 -39.61
C THR A 95 -2.11 3.63 -40.27
N ARG A 96 -3.42 3.86 -40.34
CA ARG A 96 -4.31 2.86 -40.94
C ARG A 96 -5.23 3.57 -41.94
N THR A 97 -6.07 2.80 -42.62
CA THR A 97 -6.98 3.37 -43.61
C THR A 97 -8.44 2.94 -43.38
N ILE A 98 -9.35 3.81 -43.82
CA ILE A 98 -10.77 3.51 -43.77
C ILE A 98 -11.41 3.81 -45.12
N ARG A 99 -12.38 2.98 -45.51
CA ARG A 99 -13.26 3.28 -46.66
C ARG A 99 -14.67 2.81 -46.34
N ALA A 100 -15.65 3.27 -47.12
CA ALA A 100 -17.05 2.92 -46.88
C ALA A 100 -17.82 2.66 -48.18
N TRP A 101 -18.82 1.77 -48.12
CA TRP A 101 -19.72 1.46 -49.24
C TRP A 101 -21.08 2.12 -49.06
N ASP A 102 -21.66 2.57 -50.17
CA ASP A 102 -23.09 2.94 -50.08
C ASP A 102 -23.94 1.72 -50.50
N ALA A 103 -25.25 1.87 -50.61
CA ALA A 103 -26.10 0.73 -50.95
C ALA A 103 -26.15 0.42 -52.43
N ALA A 104 -25.46 1.21 -53.23
CA ALA A 104 -25.43 1.03 -54.68
C ALA A 104 -24.13 0.39 -55.18
N GLY A 105 -23.28 -0.06 -54.26
CA GLY A 105 -22.02 -0.67 -54.63
C GLY A 105 -20.84 0.27 -54.80
N ASN A 106 -21.03 1.56 -54.55
CA ASN A 106 -19.91 2.49 -54.63
C ASN A 106 -19.06 2.51 -53.36
N VAL A 107 -17.76 2.29 -53.50
CA VAL A 107 -16.87 2.34 -52.33
C VAL A 107 -15.86 3.51 -52.40
N SER A 108 -15.64 4.18 -51.27
CA SER A 108 -14.71 5.33 -51.25
C SER A 108 -13.26 4.87 -51.33
N SER A 109 -12.38 5.78 -51.75
CA SER A 109 -10.95 5.49 -51.76
C SER A 109 -10.39 5.60 -50.37
N ASN A 110 -9.52 4.66 -49.99
CA ASN A 110 -8.97 4.66 -48.63
C ASN A 110 -8.39 6.04 -48.23
N ILE A 111 -8.70 6.51 -47.02
CA ILE A 111 -7.98 7.67 -46.49
C ILE A 111 -7.34 7.28 -45.15
N THR A 112 -6.29 8.01 -44.76
CA THR A 112 -5.56 7.64 -43.54
C THR A 112 -6.10 8.26 -42.28
N PHE A 113 -5.86 7.54 -41.20
CA PHE A 113 -6.00 8.08 -39.85
C PHE A 113 -4.82 7.55 -39.08
N VAL A 114 -4.41 8.27 -38.02
CA VAL A 114 -3.22 7.89 -37.28
C VAL A 114 -3.59 7.78 -35.80
N ILE A 115 -3.32 6.62 -35.22
CA ILE A 115 -3.49 6.44 -33.77
C ILE A 115 -2.13 6.63 -33.13
N LYS A 116 -1.95 7.72 -32.39
CA LYS A 116 -0.71 7.93 -31.64
C LYS A 116 -0.89 7.34 -30.26
N TYR A 117 0.10 6.62 -29.75
CA TYR A 117 -0.03 6.15 -28.38
C TYR A 117 1.18 6.63 -27.57
N ARG A 118 0.93 6.89 -26.28
CA ARG A 118 1.96 7.43 -25.41
C ARG A 118 1.94 6.74 -24.04
N ALA A 119 3.03 6.95 -23.34
CA ALA A 119 3.20 6.45 -21.97
C ALA A 119 2.21 7.14 -21.04
N GLN A 120 1.75 6.41 -20.02
CA GLN A 120 0.86 7.02 -19.05
C GLN A 120 1.48 8.25 -18.35
N THR A 121 2.80 8.35 -18.18
CA THR A 121 3.32 9.54 -17.47
C THR A 121 3.20 10.78 -18.32
N ASP A 122 3.02 10.62 -19.62
CA ASP A 122 2.81 11.79 -20.45
C ASP A 122 1.47 12.43 -20.11
N LYS A 123 0.51 11.60 -19.71
CA LYS A 123 -0.81 12.07 -19.34
C LYS A 123 -0.80 12.69 -17.93
N TYR A 124 -0.17 12.00 -16.99
CA TYR A 124 -0.27 12.39 -15.59
C TYR A 124 0.87 13.32 -15.12
N ASN A 125 0.48 14.31 -14.32
CA ASN A 125 1.45 15.24 -13.74
C ASN A 125 1.20 15.45 -12.24
N PRO A 126 1.94 14.70 -11.41
CA PRO A 126 1.58 14.67 -9.99
C PRO A 126 1.79 15.99 -9.27
N ALA A 127 0.80 16.38 -8.48
CA ALA A 127 0.92 17.48 -7.52
C ALA A 127 1.76 17.04 -6.33
N ASP A 128 2.56 17.97 -5.79
CA ASP A 128 3.30 17.75 -4.54
C ASP A 128 2.38 17.37 -3.38
N PRO A 129 2.87 16.48 -2.51
CA PRO A 129 2.11 16.10 -1.31
C PRO A 129 2.16 17.21 -0.28
N THR A 130 1.18 17.26 0.63
CA THR A 130 1.38 18.00 1.86
C THR A 130 2.67 17.43 2.47
N ILE A 131 3.55 18.29 2.99
CA ILE A 131 4.86 17.87 3.48
C ILE A 131 4.75 16.93 4.68
N THR A 132 5.64 15.94 4.73
CA THR A 132 5.76 15.03 5.86
C THR A 132 7.00 15.41 6.69
N TYR A 133 6.84 15.66 7.99
CA TYR A 133 7.98 15.99 8.84
C TYR A 133 8.58 14.76 9.48
N VAL A 134 9.88 14.57 9.28
CA VAL A 134 10.56 13.35 9.68
C VAL A 134 11.68 13.61 10.67
N ASP A 135 12.10 12.56 11.35
CA ASP A 135 13.16 12.69 12.34
C ASP A 135 14.51 12.86 11.67
N ARG A 136 14.78 12.00 10.68
CA ARG A 136 16.06 12.00 9.96
C ARG A 136 15.83 12.09 8.45
N LEU A 137 16.26 13.19 7.84
CA LEU A 137 16.06 13.40 6.41
C LEU A 137 16.74 12.36 5.52
N SER A 138 17.81 11.75 6.00
CA SER A 138 18.54 10.78 5.20
C SER A 138 18.09 9.35 5.46
N SER A 139 17.17 9.14 6.40
CA SER A 139 16.74 7.78 6.72
C SER A 139 15.32 7.73 7.28
N LEU A 140 14.33 7.63 6.41
CA LEU A 140 12.93 7.58 6.83
C LEU A 140 12.54 6.27 7.50
N SER A 141 11.64 6.36 8.48
CA SER A 141 11.10 5.17 9.13
C SER A 141 9.97 4.53 8.28
N PRO A 142 9.58 3.28 8.59
CA PRO A 142 8.43 2.72 7.85
C PRO A 142 7.14 3.54 7.92
N SER A 143 6.81 4.07 9.09
CA SER A 143 5.60 4.85 9.20
C SER A 143 5.72 6.14 8.39
N GLU A 144 6.95 6.68 8.30
CA GLU A 144 7.18 7.91 7.54
C GLU A 144 7.01 7.61 6.05
N LYS A 145 7.49 6.44 5.62
CA LYS A 145 7.27 6.06 4.22
C LYS A 145 5.79 5.82 3.93
N ASN A 146 5.08 5.11 4.80
CA ASN A 146 3.63 4.95 4.60
C ASN A 146 2.93 6.30 4.51
N ALA A 147 3.32 7.24 5.39
CA ALA A 147 2.72 8.57 5.43
C ALA A 147 2.99 9.35 4.14
N VAL A 148 4.23 9.33 3.68
CA VAL A 148 4.60 9.90 2.36
C VAL A 148 3.73 9.29 1.24
N GLU A 149 3.67 7.96 1.14
CA GLU A 149 2.87 7.30 0.06
C GLU A 149 1.40 7.74 0.15
N ALA A 150 0.88 7.82 1.37
CA ALA A 150 -0.51 8.23 1.59
C ALA A 150 -0.76 9.68 1.16
N ALA A 151 0.20 10.56 1.45
CA ALA A 151 0.12 11.98 1.12
C ALA A 151 0.15 12.19 -0.39
N VAL A 152 1.03 11.45 -1.06
CA VAL A 152 1.10 11.50 -2.52
C VAL A 152 -0.19 10.99 -3.16
N ARG A 153 -0.71 9.88 -2.66
CA ARG A 153 -1.95 9.32 -3.20
C ARG A 153 -3.10 10.30 -2.98
N ALA A 154 -3.16 10.87 -1.78
CA ALA A 154 -4.23 11.80 -1.42
C ALA A 154 -4.19 13.07 -2.27
N ALA A 155 -2.99 13.52 -2.64
CA ALA A 155 -2.84 14.73 -3.44
C ALA A 155 -3.14 14.47 -4.91
N ASN A 156 -3.30 13.20 -5.29
CA ASN A 156 -3.46 12.81 -6.69
C ASN A 156 -4.50 11.72 -6.90
N PRO A 157 -5.79 12.05 -6.68
CA PRO A 157 -6.84 11.04 -6.88
C PRO A 157 -7.05 10.69 -8.35
N GLN A 158 -6.54 11.49 -9.26
CA GLN A 158 -6.75 11.28 -10.70
C GLN A 158 -5.76 10.27 -11.30
N ILE A 159 -4.72 9.95 -10.55
CA ILE A 159 -3.75 8.95 -10.96
C ILE A 159 -4.35 7.55 -10.82
N PRO A 160 -3.99 6.60 -11.70
CA PRO A 160 -4.60 5.27 -11.65
C PRO A 160 -4.43 4.58 -10.30
N ALA A 161 -5.49 3.91 -9.85
CA ALA A 161 -5.38 3.15 -8.60
C ALA A 161 -4.34 2.05 -8.76
N ALA A 162 -4.16 1.57 -10.00
CA ALA A 162 -3.21 0.52 -10.24
C ALA A 162 -1.77 1.04 -10.36
N ALA A 163 -1.57 2.36 -10.32
CA ALA A 163 -0.20 2.88 -10.28
C ALA A 163 0.36 2.57 -8.89
N ARG A 164 1.66 2.28 -8.84
CA ARG A 164 2.33 1.96 -7.59
C ARG A 164 3.24 3.10 -7.15
N ILE A 165 3.08 3.54 -5.90
CA ILE A 165 3.88 4.63 -5.37
C ILE A 165 4.93 4.09 -4.41
N THR A 166 6.21 4.36 -4.67
CA THR A 166 7.30 3.94 -3.76
C THR A 166 8.06 5.15 -3.21
N VAL A 167 8.74 4.93 -2.06
CA VAL A 167 9.44 5.98 -1.33
C VAL A 167 10.82 5.48 -0.91
N SER A 168 11.87 6.27 -1.18
CA SER A 168 13.24 5.84 -0.88
C SER A 168 13.65 6.23 0.55
N ALA A 169 14.88 5.86 0.93
CA ALA A 169 15.39 6.15 2.28
C ALA A 169 15.39 7.65 2.58
N ASN A 170 15.58 8.50 1.58
CA ASN A 170 15.63 9.92 1.86
C ASN A 170 14.37 10.66 1.45
N GLY A 171 13.30 9.92 1.18
CA GLY A 171 12.04 10.53 0.88
C GLY A 171 11.77 10.87 -0.58
N THR A 172 12.62 10.38 -1.47
CA THR A 172 12.37 10.56 -2.91
C THR A 172 11.20 9.67 -3.32
N VAL A 173 10.24 10.24 -4.05
CA VAL A 173 9.03 9.51 -4.42
C VAL A 173 9.08 9.07 -5.88
N THR A 174 8.81 7.79 -6.14
CA THR A 174 8.55 7.31 -7.52
C THR A 174 7.10 6.86 -7.72
N ILE A 175 6.47 7.36 -8.77
CA ILE A 175 5.14 6.91 -9.14
C ILE A 175 5.32 6.03 -10.38
N THR A 176 5.03 4.74 -10.28
CA THR A 176 5.12 3.84 -11.44
C THR A 176 3.74 3.49 -11.99
N TYR A 177 3.44 4.00 -13.18
CA TYR A 177 2.10 3.77 -13.73
C TYR A 177 1.94 2.31 -14.22
N PRO A 178 0.70 1.85 -14.43
CA PRO A 178 0.47 0.45 -14.84
C PRO A 178 1.26 0.01 -16.07
N ASP A 179 1.60 0.94 -16.98
CA ASP A 179 2.44 0.60 -18.14
C ASP A 179 3.94 0.69 -17.90
N SER A 180 4.33 0.74 -16.61
CA SER A 180 5.71 0.86 -16.18
C SER A 180 6.44 2.18 -16.47
N SER A 181 5.73 3.21 -16.95
CA SER A 181 6.35 4.54 -17.09
C SER A 181 6.28 5.22 -15.71
N THR A 182 7.08 6.26 -15.48
CA THR A 182 7.21 6.84 -14.13
C THR A 182 7.22 8.38 -14.02
N ASP A 183 6.96 8.88 -12.82
CA ASP A 183 7.21 10.29 -12.48
C ASP A 183 7.99 10.25 -11.15
N THR A 184 8.72 11.32 -10.82
CA THR A 184 9.53 11.40 -9.58
C THR A 184 9.20 12.70 -8.81
N ILE A 185 9.29 12.68 -7.48
CA ILE A 185 9.19 13.90 -6.69
C ILE A 185 10.42 13.94 -5.77
N THR A 186 11.18 15.04 -5.85
CA THR A 186 12.43 15.13 -5.09
C THR A 186 12.17 15.33 -3.59
N ALA A 187 13.02 14.73 -2.79
CA ALA A 187 12.90 14.72 -1.34
C ALA A 187 12.61 16.11 -0.79
N ASN A 188 13.37 17.10 -1.24
CA ASN A 188 13.22 18.46 -0.71
C ASN A 188 11.85 19.05 -0.98
N ARG A 189 11.03 18.35 -1.76
CA ARG A 189 9.63 18.74 -1.94
C ARG A 189 8.63 17.80 -1.22
N VAL A 190 9.13 16.81 -0.50
CA VAL A 190 8.26 15.81 0.13
C VAL A 190 8.44 15.74 1.65
N VAL A 191 9.68 15.88 2.11
CA VAL A 191 10.01 15.73 3.55
C VAL A 191 10.81 16.91 4.08
N LYS A 192 10.54 17.28 5.32
CA LYS A 192 11.33 18.27 6.01
C LYS A 192 11.70 17.74 7.40
N ASP A 193 12.79 18.27 7.97
CA ASP A 193 13.27 17.88 9.29
C ASP A 193 12.37 18.44 10.39
N LEU A 194 11.97 17.57 11.31
CA LEU A 194 10.98 17.91 12.31
C LEU A 194 11.51 18.93 13.31
N ALA A 195 12.71 18.66 13.82
CA ALA A 195 13.32 19.48 14.87
C ALA A 195 13.58 20.92 14.44
N SER A 196 14.08 21.10 13.21
CA SER A 196 14.49 22.40 12.73
C SER A 196 13.28 23.27 12.38
N SER A 197 12.16 22.62 12.13
CA SER A 197 10.91 23.31 11.88
C SER A 197 10.19 23.62 13.18
N THR B 1 -0.47 -9.90 66.94
CA THR B 1 0.61 -9.11 66.35
C THR B 1 0.96 -9.60 64.94
N ASP B 2 0.99 -8.67 63.99
CA ASP B 2 1.40 -8.97 62.63
C ASP B 2 2.93 -8.93 62.54
N THR B 3 3.50 -10.10 62.26
CA THR B 3 4.94 -10.27 62.14
C THR B 3 5.32 -10.86 60.77
N THR B 4 4.33 -10.99 59.90
CA THR B 4 4.45 -11.67 58.61
C THR B 4 4.39 -10.68 57.44
N PRO B 5 5.35 -10.73 56.51
CA PRO B 5 5.24 -9.79 55.39
C PRO B 5 4.22 -10.23 54.35
N PRO B 6 3.90 -9.33 53.41
CA PRO B 6 3.02 -9.65 52.30
C PRO B 6 3.56 -10.76 51.37
N THR B 7 2.66 -11.47 50.69
CA THR B 7 3.08 -12.41 49.65
C THR B 7 2.87 -11.83 48.27
N ILE B 8 3.92 -11.86 47.47
CA ILE B 8 3.85 -11.28 46.14
C ILE B 8 3.79 -12.36 45.09
N THR B 9 2.80 -12.29 44.21
CA THR B 9 2.80 -13.18 43.05
C THR B 9 3.18 -12.38 41.82
N VAL B 10 4.27 -12.77 41.17
CA VAL B 10 4.69 -12.10 39.95
C VAL B 10 4.31 -12.97 38.77
N PRO B 11 4.06 -12.34 37.62
CA PRO B 11 3.82 -13.11 36.40
C PRO B 11 5.06 -13.91 36.00
N SER B 12 4.88 -15.14 35.55
CA SER B 12 6.02 -15.99 35.22
C SER B 12 6.63 -15.67 33.88
N ASP B 13 5.84 -15.09 32.99
CA ASP B 13 6.29 -14.87 31.61
C ASP B 13 5.91 -13.51 31.04
N ILE B 14 6.68 -12.49 31.38
CA ILE B 14 6.48 -11.14 30.91
C ILE B 14 7.29 -10.92 29.65
N ILE B 15 6.62 -10.80 28.51
CA ILE B 15 7.33 -10.63 27.25
C ILE B 15 6.81 -9.38 26.56
N ALA B 16 7.71 -8.41 26.37
CA ALA B 16 7.36 -7.13 25.76
C ALA B 16 8.01 -6.97 24.42
N TYR B 17 7.35 -6.24 23.54
CA TYR B 17 7.85 -6.03 22.18
C TYR B 17 8.20 -4.55 21.98
N ARG B 18 9.35 -4.32 21.34
CA ARG B 18 9.87 -2.97 21.16
C ARG B 18 8.82 -2.05 20.56
N GLY B 19 8.61 -0.90 21.22
CA GLY B 19 7.70 0.11 20.71
C GLY B 19 6.23 -0.13 21.00
N GLU B 20 5.91 -1.29 21.57
CA GLU B 20 4.52 -1.67 21.85
C GLU B 20 4.22 -1.65 23.35
N GLU B 21 3.19 -0.91 23.75
CA GLU B 21 2.81 -0.86 25.17
C GLU B 21 2.48 -2.25 25.73
N PHE B 22 3.07 -2.56 26.88
CA PHE B 22 2.80 -3.82 27.56
C PHE B 22 2.10 -3.50 28.89
N GLU B 23 1.38 -4.47 29.44
CA GLU B 23 0.95 -4.37 30.83
C GLU B 23 0.97 -5.73 31.53
N PHE B 24 1.12 -5.69 32.83
CA PHE B 24 1.05 -6.91 33.64
C PHE B 24 0.71 -6.48 35.04
N TYR B 25 0.34 -7.42 35.89
CA TYR B 25 -0.01 -7.12 37.27
C TYR B 25 0.86 -7.87 38.25
N PHE B 26 1.21 -7.22 39.36
CA PHE B 26 1.63 -7.94 40.56
C PHE B 26 0.36 -8.20 41.38
N GLU B 27 0.22 -9.41 41.93
CA GLU B 27 -0.84 -9.64 42.92
C GLU B 27 -0.23 -9.77 44.28
N ILE B 28 -0.72 -8.99 45.23
CA ILE B 28 -0.13 -8.99 46.54
C ILE B 28 -1.20 -9.27 47.58
N THR B 29 -0.85 -10.10 48.56
CA THR B 29 -1.73 -10.48 49.67
C THR B 29 -1.04 -10.23 50.99
N ASP B 30 -1.77 -9.87 52.05
CA ASP B 30 -1.17 -9.88 53.37
C ASP B 30 -2.18 -10.48 54.35
N ASP B 31 -1.67 -11.14 55.38
CA ASP B 31 -2.54 -11.77 56.37
C ASP B 31 -3.43 -10.72 57.04
N SER B 32 -2.91 -9.50 57.20
CA SER B 32 -3.68 -8.39 57.78
C SER B 32 -4.76 -7.85 56.86
N GLY B 33 -4.71 -8.23 55.58
CA GLY B 33 -5.62 -7.68 54.60
C GLY B 33 -5.20 -6.32 54.03
N GLN B 34 -4.09 -5.75 54.51
CA GLN B 34 -3.64 -4.42 54.07
C GLN B 34 -2.14 -4.39 53.69
N VAL B 35 -1.86 -3.94 52.47
CA VAL B 35 -0.49 -3.64 52.02
C VAL B 35 -0.24 -2.11 51.99
N LYS B 36 0.89 -1.65 52.52
CA LYS B 36 1.18 -0.20 52.63
C LYS B 36 1.76 0.36 51.31
N ASN B 37 2.82 -0.28 50.80
CA ASN B 37 3.47 0.30 49.62
C ASN B 37 4.37 -0.81 49.05
N ILE B 38 4.88 -0.55 47.86
CA ILE B 38 5.85 -1.44 47.22
C ILE B 38 7.05 -0.59 46.76
N GLU B 39 8.11 -1.26 46.38
CA GLU B 39 9.28 -0.59 45.81
C GLU B 39 9.83 -1.45 44.70
N LEU B 40 10.01 -0.87 43.50
CA LEU B 40 10.68 -1.57 42.43
C LEU B 40 12.11 -1.05 42.36
N SER B 41 13.07 -1.95 42.15
CA SER B 41 14.46 -1.53 42.17
C SER B 41 15.31 -2.49 41.36
N THR B 42 16.61 -2.19 41.24
CA THR B 42 17.56 -3.16 40.72
C THR B 42 18.31 -3.75 41.89
N PHE B 43 17.69 -4.75 42.55
CA PHE B 43 18.27 -5.40 43.72
C PHE B 43 18.70 -4.37 44.77
N GLY B 44 17.83 -3.38 45.01
CA GLY B 44 18.05 -2.35 46.01
C GLY B 44 18.53 -1.01 45.50
N LYS B 45 19.14 -1.02 44.32
CA LYS B 45 19.68 0.18 43.69
C LYS B 45 18.59 0.78 42.79
N PRO B 46 18.80 2.00 42.26
CA PRO B 46 17.77 2.62 41.40
C PRO B 46 17.26 1.70 40.29
N LEU B 47 15.96 1.79 40.00
CA LEU B 47 15.33 0.94 39.00
C LEU B 47 15.96 1.14 37.62
N GLY B 48 16.18 2.38 37.27
CA GLY B 48 16.77 2.73 35.99
C GLY B 48 15.98 2.30 34.76
N LEU B 49 14.65 2.28 34.87
CA LEU B 49 13.77 2.03 33.72
C LEU B 49 12.76 3.17 33.66
N ASN B 50 13.17 4.27 33.06
CA ASN B 50 12.37 5.49 33.11
C ASN B 50 11.05 5.34 32.36
N TRP B 51 11.02 4.38 31.44
CA TRP B 51 9.85 4.11 30.60
C TRP B 51 8.84 3.15 31.24
N LEU B 52 9.09 2.74 32.47
CA LEU B 52 8.14 1.86 33.17
C LEU B 52 7.39 2.69 34.22
N GLU B 53 6.08 2.43 34.36
CA GLU B 53 5.28 3.11 35.36
C GLU B 53 4.31 2.14 36.06
N TYR B 54 3.95 2.44 37.30
CA TYR B 54 2.91 1.64 37.93
C TYR B 54 1.97 2.48 38.75
N SER B 55 0.78 1.94 38.96
CA SER B 55 -0.27 2.64 39.67
C SER B 55 -0.15 2.47 41.17
N GLU B 56 -0.39 3.55 41.91
CA GLU B 56 -0.36 3.46 43.36
C GLU B 56 -1.79 3.56 43.92
N ASP B 57 -2.76 3.26 43.06
CA ASP B 57 -4.17 3.18 43.47
C ASP B 57 -4.41 2.22 44.61
N ASN B 58 -5.16 2.68 45.59
CA ASN B 58 -5.61 1.87 46.70
C ASN B 58 -4.48 1.39 47.62
N PHE B 59 -3.29 2.01 47.52
CA PHE B 59 -2.23 1.68 48.48
C PHE B 59 -2.56 2.11 49.90
N ASN B 60 -2.13 1.29 50.86
CA ASN B 60 -2.19 1.60 52.29
C ASN B 60 -3.60 1.89 52.82
N VAL B 61 -4.54 1.05 52.38
CA VAL B 61 -5.96 1.08 52.77
C VAL B 61 -6.36 -0.27 53.42
N PRO B 62 -7.10 -0.25 54.54
CA PRO B 62 -7.48 -1.56 55.09
C PRO B 62 -8.31 -2.42 54.11
N GLY B 63 -8.04 -3.72 54.09
CA GLY B 63 -8.74 -4.65 53.22
C GLY B 63 -8.39 -4.62 51.73
N ASN B 64 -7.29 -3.95 51.37
CA ASN B 64 -6.92 -3.83 49.96
C ASN B 64 -6.18 -5.04 49.39
N ALA B 65 -5.99 -6.06 50.23
CA ALA B 65 -5.07 -7.15 49.89
C ALA B 65 -5.39 -8.44 50.64
N THR B 66 -6.58 -8.99 50.42
CA THR B 66 -6.99 -10.20 51.13
C THR B 66 -6.84 -11.41 50.21
N SER B 67 -6.91 -12.61 50.80
CA SER B 67 -6.87 -13.84 50.03
C SER B 67 -7.91 -13.87 48.91
N ASP B 68 -9.13 -13.45 49.22
CA ASP B 68 -10.20 -13.44 48.21
C ASP B 68 -10.09 -12.29 47.21
N ASN B 69 -9.43 -11.19 47.63
CA ASN B 69 -9.35 -9.98 46.81
C ASN B 69 -7.99 -9.31 46.95
N PRO B 70 -7.00 -9.82 46.20
CA PRO B 70 -5.66 -9.30 46.44
C PRO B 70 -5.42 -7.91 45.83
N LEU B 71 -4.34 -7.25 46.26
CA LEU B 71 -3.93 -6.00 45.67
C LEU B 71 -3.37 -6.30 44.27
N ARG B 72 -3.99 -5.74 43.24
CA ARG B 72 -3.59 -6.00 41.88
C ARG B 72 -2.95 -4.70 41.38
N VAL B 73 -1.61 -4.68 41.35
CA VAL B 73 -0.87 -3.49 40.97
C VAL B 73 -0.61 -3.48 39.48
N ARG B 74 -1.23 -2.55 38.76
CA ARG B 74 -1.03 -2.50 37.31
C ARG B 74 0.30 -1.84 36.94
N VAL B 75 1.09 -2.55 36.13
CA VAL B 75 2.37 -2.02 35.65
C VAL B 75 2.28 -1.86 34.15
N HIS B 76 2.77 -0.75 33.61
CA HIS B 76 2.76 -0.64 32.16
C HIS B 76 3.94 0.17 31.64
N GLY B 77 4.15 0.15 30.34
CA GLY B 77 5.22 0.95 29.79
C GLY B 77 5.47 0.54 28.36
N THR B 78 6.50 1.12 27.76
CA THR B 78 6.90 0.79 26.40
C THR B 78 8.43 0.69 26.32
N VAL B 79 8.91 -0.47 25.92
CA VAL B 79 10.35 -0.65 25.69
C VAL B 79 10.74 0.17 24.47
N PRO B 80 11.80 0.99 24.58
CA PRO B 80 12.20 1.87 23.48
C PRO B 80 12.38 1.13 22.16
N LEU B 81 11.89 1.76 21.10
CA LEU B 81 11.93 1.22 19.74
C LEU B 81 13.30 0.70 19.36
N ASN B 82 14.35 1.38 19.82
CA ASN B 82 15.71 1.03 19.45
C ASN B 82 16.54 0.38 20.55
N GLU B 83 15.88 -0.26 21.50
CA GLU B 83 16.60 -0.98 22.53
C GLU B 83 17.47 -2.07 21.87
N PRO B 84 18.78 -2.06 22.15
CA PRO B 84 19.63 -3.06 21.48
C PRO B 84 19.28 -4.49 21.90
N ILE B 85 19.13 -5.37 20.92
CA ILE B 85 18.87 -6.77 21.19
C ILE B 85 20.12 -7.59 20.98
N PRO B 86 20.71 -8.11 22.06
CA PRO B 86 21.92 -8.93 21.96
C PRO B 86 21.64 -10.18 21.13
N ALA B 87 22.67 -10.73 20.49
CA ALA B 87 22.55 -12.01 19.80
C ALA B 87 22.11 -13.09 20.78
N ASP B 88 22.55 -12.98 22.03
CA ASP B 88 22.09 -13.86 23.10
C ASP B 88 20.72 -13.41 23.64
N LYS B 89 19.67 -14.16 23.29
CA LYS B 89 18.31 -13.84 23.72
C LYS B 89 18.19 -13.74 25.23
N ASN B 90 18.97 -14.55 25.94
CA ASN B 90 18.89 -14.63 27.40
C ASN B 90 19.29 -13.33 28.09
N ARG B 91 19.93 -12.44 27.35
CA ARG B 91 20.38 -11.14 27.83
CA ARG B 91 20.27 -11.15 27.93
C ARG B 91 19.47 -10.03 27.32
N ALA B 92 18.46 -10.38 26.52
CA ALA B 92 17.50 -9.42 26.00
C ALA B 92 16.38 -9.27 27.02
N GLN B 93 16.71 -8.73 28.18
CA GLN B 93 15.73 -8.67 29.23
C GLN B 93 16.23 -7.76 30.33
N PHE B 94 15.33 -7.40 31.23
CA PHE B 94 15.70 -6.65 32.43
C PHE B 94 15.24 -7.44 33.65
N THR B 95 16.19 -7.83 34.47
CA THR B 95 15.90 -8.49 35.73
C THR B 95 15.85 -7.45 36.84
N ARG B 96 14.75 -7.43 37.58
CA ARG B 96 14.56 -6.40 38.60
C ARG B 96 13.90 -7.05 39.80
N THR B 97 13.72 -6.26 40.86
CA THR B 97 13.17 -6.81 42.09
C THR B 97 12.02 -5.95 42.58
N ILE B 98 11.07 -6.61 43.26
CA ILE B 98 10.00 -5.91 43.95
C ILE B 98 10.01 -6.35 45.42
N ARG B 99 9.76 -5.40 46.33
CA ARG B 99 9.46 -5.75 47.74
C ARG B 99 8.20 -4.96 48.11
N ALA B 100 7.51 -5.45 49.14
CA ALA B 100 6.25 -4.82 49.59
C ALA B 100 6.23 -4.88 51.09
N TRP B 101 5.54 -3.94 51.74
CA TRP B 101 5.44 -3.99 53.21
C TRP B 101 4.02 -3.69 53.63
N ASP B 102 3.67 -4.17 54.84
CA ASP B 102 2.34 -3.94 55.38
C ASP B 102 2.40 -2.72 56.31
N ALA B 103 1.29 -2.41 56.97
CA ALA B 103 1.27 -1.21 57.81
C ALA B 103 2.10 -1.35 59.09
N ALA B 104 2.43 -2.57 59.49
CA ALA B 104 3.30 -2.78 60.63
C ALA B 104 4.77 -2.60 60.28
N GLY B 105 5.08 -2.46 58.99
CA GLY B 105 6.46 -2.31 58.60
C GLY B 105 7.17 -3.64 58.34
N ASN B 106 6.40 -4.73 58.29
CA ASN B 106 6.95 -6.01 57.85
C ASN B 106 7.23 -5.98 56.35
N VAL B 107 8.51 -6.02 55.98
CA VAL B 107 8.92 -5.90 54.56
C VAL B 107 9.25 -7.28 53.99
N SER B 108 8.82 -7.56 52.77
CA SER B 108 9.16 -8.82 52.13
C SER B 108 10.63 -8.76 51.70
N SER B 109 11.19 -9.90 51.33
CA SER B 109 12.50 -9.92 50.71
C SER B 109 12.32 -9.35 49.31
N ASN B 110 13.43 -9.02 48.66
CA ASN B 110 13.36 -8.59 47.28
C ASN B 110 13.09 -9.80 46.35
N ILE B 111 11.92 -9.80 45.70
CA ILE B 111 11.48 -10.84 44.79
C ILE B 111 11.79 -10.51 43.32
N THR B 112 12.39 -11.44 42.58
CA THR B 112 12.75 -11.19 41.17
C THR B 112 11.59 -11.25 40.18
N PHE B 113 11.57 -10.32 39.22
CA PHE B 113 10.70 -10.44 38.06
C PHE B 113 11.54 -10.05 36.85
N VAL B 114 11.15 -10.54 35.67
CA VAL B 114 11.98 -10.35 34.48
C VAL B 114 11.10 -9.83 33.36
N ILE B 115 11.47 -8.68 32.82
CA ILE B 115 10.82 -8.17 31.62
C ILE B 115 11.68 -8.56 30.43
N LYS B 116 11.21 -9.56 29.67
CA LYS B 116 11.90 -9.95 28.45
C LYS B 116 11.47 -8.99 27.34
N TYR B 117 12.36 -8.63 26.44
CA TYR B 117 11.93 -7.81 25.31
C TYR B 117 12.46 -8.39 24.01
N ARG B 118 11.68 -8.16 22.96
CA ARG B 118 11.88 -8.82 21.67
C ARG B 118 11.59 -7.86 20.55
N ALA B 119 12.18 -8.15 19.39
CA ALA B 119 11.83 -7.41 18.19
C ALA B 119 10.37 -7.68 17.80
N GLN B 120 9.74 -6.70 17.15
CA GLN B 120 8.35 -6.85 16.75
C GLN B 120 8.03 -8.06 15.85
N THR B 121 8.96 -8.50 14.99
CA THR B 121 8.59 -9.67 14.18
C THR B 121 8.44 -10.92 15.01
N ASP B 122 9.00 -10.96 16.21
CA ASP B 122 8.79 -12.11 17.05
C ASP B 122 7.33 -12.25 17.46
N LYS B 123 6.57 -11.16 17.43
CA LYS B 123 5.16 -11.15 17.77
C LYS B 123 4.31 -11.55 16.56
N TYR B 124 4.73 -11.11 15.38
CA TYR B 124 4.10 -11.43 14.09
C TYR B 124 5.00 -12.55 13.44
N ASN B 125 4.96 -12.82 12.16
CA ASN B 125 4.22 -14.08 11.74
C ASN B 125 2.88 -13.94 10.92
N PRO B 126 2.98 -13.63 9.63
CA PRO B 126 1.77 -13.37 8.83
C PRO B 126 1.06 -14.60 8.21
N ALA B 127 -0.25 -14.48 7.97
CA ALA B 127 -1.02 -15.50 7.25
C ALA B 127 -0.81 -15.39 5.72
N ASP B 128 -0.92 -16.50 4.99
CA ASP B 128 -0.79 -16.42 3.52
C ASP B 128 -1.96 -15.68 2.90
N PRO B 129 -1.69 -14.84 1.90
CA PRO B 129 -2.80 -14.17 1.20
C PRO B 129 -3.48 -15.14 0.25
N THR B 130 -4.71 -14.85 -0.14
CA THR B 130 -5.29 -15.47 -1.33
C THR B 130 -4.30 -15.29 -2.48
N ILE B 131 -4.07 -16.35 -3.26
CA ILE B 131 -3.08 -16.34 -4.34
C ILE B 131 -3.38 -15.29 -5.43
N THR B 132 -2.34 -14.58 -5.89
CA THR B 132 -2.47 -13.65 -7.01
C THR B 132 -1.90 -14.28 -8.28
N TYR B 133 -2.74 -14.34 -9.34
CA TYR B 133 -2.28 -14.85 -10.63
C TYR B 133 -1.62 -13.73 -11.42
N VAL B 134 -0.45 -14.02 -11.97
CA VAL B 134 0.33 -13.02 -12.68
C VAL B 134 0.72 -13.52 -14.06
N ASP B 135 1.21 -12.62 -14.91
CA ASP B 135 1.57 -13.02 -16.27
C ASP B 135 3.00 -13.59 -16.33
N ARG B 136 3.93 -12.92 -15.68
CA ARG B 136 5.31 -13.37 -15.60
C ARG B 136 5.75 -13.55 -14.15
N LEU B 137 5.95 -14.79 -13.72
CA LEU B 137 6.36 -15.06 -12.34
C LEU B 137 7.65 -14.36 -11.93
N SER B 138 8.45 -13.98 -12.92
CA SER B 138 9.77 -13.41 -12.67
C SER B 138 9.77 -11.88 -12.75
N SER B 139 8.67 -11.31 -13.24
CA SER B 139 8.56 -9.86 -13.35
C SER B 139 7.12 -9.39 -13.20
N LEU B 140 6.73 -9.14 -11.97
CA LEU B 140 5.39 -8.63 -11.69
C LEU B 140 5.22 -7.20 -12.21
N SER B 141 4.01 -6.88 -12.63
CA SER B 141 3.68 -5.51 -13.05
C SER B 141 3.35 -4.64 -11.82
N PRO B 142 3.28 -3.30 -12.00
CA PRO B 142 2.83 -2.46 -10.88
C PRO B 142 1.47 -2.86 -10.34
N SER B 143 0.54 -3.17 -11.23
CA SER B 143 -0.79 -3.56 -10.83
C SER B 143 -0.78 -4.86 -10.01
N GLU B 144 0.04 -5.83 -10.43
CA GLU B 144 0.14 -7.11 -9.74
C GLU B 144 0.77 -6.91 -8.34
N LYS B 145 1.74 -5.99 -8.24
CA LYS B 145 2.35 -5.71 -6.93
C LYS B 145 1.37 -5.03 -6.02
N ASN B 146 0.60 -4.08 -6.55
CA ASN B 146 -0.46 -3.46 -5.78
C ASN B 146 -1.44 -4.51 -5.28
N ALA B 147 -1.76 -5.50 -6.14
CA ALA B 147 -2.72 -6.54 -5.74
C ALA B 147 -2.14 -7.46 -4.66
N VAL B 148 -0.89 -7.88 -4.83
CA VAL B 148 -0.21 -8.67 -3.80
C VAL B 148 -0.19 -7.90 -2.47
N GLU B 149 0.23 -6.63 -2.48
CA GLU B 149 0.30 -5.87 -1.19
C GLU B 149 -1.10 -5.84 -0.55
N ALA B 150 -2.14 -5.61 -1.35
CA ALA B 150 -3.52 -5.59 -0.86
C ALA B 150 -3.96 -6.96 -0.31
N ALA B 151 -3.52 -8.04 -0.95
CA ALA B 151 -3.94 -9.38 -0.52
C ALA B 151 -3.23 -9.76 0.80
N VAL B 152 -1.96 -9.35 0.93
CA VAL B 152 -1.22 -9.57 2.17
C VAL B 152 -1.86 -8.78 3.32
N ARG B 153 -2.21 -7.53 3.04
CA ARG B 153 -2.77 -6.66 4.06
C ARG B 153 -4.16 -7.19 4.48
N ALA B 154 -4.95 -7.65 3.51
CA ALA B 154 -6.32 -8.14 3.78
C ALA B 154 -6.32 -9.39 4.67
N ALA B 155 -5.34 -10.24 4.45
CA ALA B 155 -5.24 -11.49 5.16
C ALA B 155 -4.55 -11.29 6.51
N ASN B 156 -4.00 -10.10 6.72
CA ASN B 156 -3.28 -9.80 7.97
C ASN B 156 -3.66 -8.46 8.63
N PRO B 157 -4.94 -8.31 9.02
CA PRO B 157 -5.38 -7.11 9.72
C PRO B 157 -4.74 -6.93 11.10
N GLN B 158 -4.05 -7.94 11.61
CA GLN B 158 -3.47 -7.85 12.96
C GLN B 158 -2.07 -7.23 12.98
N ILE B 159 -1.48 -7.04 11.81
CA ILE B 159 -0.17 -6.41 11.71
C ILE B 159 -0.35 -4.88 11.84
N PRO B 160 0.63 -4.19 12.46
CA PRO B 160 0.51 -2.73 12.64
C PRO B 160 0.25 -2.01 11.32
N ALA B 161 -0.64 -1.02 11.32
CA ALA B 161 -0.83 -0.21 10.11
C ALA B 161 0.50 0.44 9.69
N ALA B 162 1.33 0.75 10.68
CA ALA B 162 2.60 1.46 10.47
C ALA B 162 3.69 0.59 9.89
N ALA B 163 3.46 -0.73 9.86
CA ALA B 163 4.38 -1.63 9.20
C ALA B 163 4.29 -1.32 7.71
N ARG B 164 5.41 -1.45 7.01
CA ARG B 164 5.39 -1.20 5.57
C ARG B 164 5.56 -2.52 4.80
N ILE B 165 4.67 -2.75 3.83
CA ILE B 165 4.68 -4.00 3.04
C ILE B 165 5.24 -3.72 1.65
N THR B 166 6.39 -4.30 1.33
CA THR B 166 6.94 -4.18 -0.03
C THR B 166 6.90 -5.51 -0.78
N VAL B 167 6.90 -5.41 -2.12
CA VAL B 167 6.80 -6.58 -3.00
C VAL B 167 7.93 -6.47 -4.00
N SER B 168 8.67 -7.56 -4.19
CA SER B 168 9.77 -7.57 -5.15
C SER B 168 9.28 -7.96 -6.53
N ALA B 169 10.20 -7.92 -7.49
CA ALA B 169 9.95 -8.29 -8.88
C ALA B 169 9.33 -9.68 -9.05
N ASN B 170 9.69 -10.65 -8.19
CA ASN B 170 9.12 -11.98 -8.33
C ASN B 170 8.03 -12.34 -7.33
N GLY B 171 7.48 -11.34 -6.65
CA GLY B 171 6.36 -11.60 -5.76
C GLY B 171 6.72 -11.99 -4.33
N THR B 172 8.00 -11.96 -4.00
CA THR B 172 8.45 -12.18 -2.61
C THR B 172 7.99 -10.95 -1.81
N VAL B 173 7.40 -11.17 -0.63
CA VAL B 173 6.86 -10.08 0.16
C VAL B 173 7.74 -9.81 1.38
N THR B 174 8.03 -8.53 1.64
CA THR B 174 8.72 -8.14 2.87
C THR B 174 7.81 -7.27 3.73
N ILE B 175 7.69 -7.62 5.01
CA ILE B 175 6.97 -6.78 5.95
C ILE B 175 7.99 -6.17 6.89
N THR B 176 8.12 -4.84 6.91
CA THR B 176 9.05 -4.14 7.81
C THR B 176 8.30 -3.42 8.93
N TYR B 177 8.51 -3.89 10.15
CA TYR B 177 7.80 -3.38 11.30
C TYR B 177 8.40 -2.04 11.75
N PRO B 178 7.64 -1.25 12.53
CA PRO B 178 8.16 0.04 13.02
C PRO B 178 9.56 0.02 13.66
N ASP B 179 9.96 -1.06 14.36
CA ASP B 179 11.28 -1.12 14.96
C ASP B 179 12.37 -1.59 14.00
N SER B 180 11.99 -1.73 12.73
CA SER B 180 12.85 -2.14 11.61
C SER B 180 13.16 -3.63 11.50
N SER B 181 12.55 -4.45 12.38
CA SER B 181 12.57 -5.90 12.20
C SER B 181 11.63 -6.29 11.02
N THR B 182 11.73 -7.52 10.52
CA THR B 182 11.01 -7.91 9.29
C THR B 182 10.41 -9.33 9.30
N ASP B 183 9.41 -9.57 8.43
CA ASP B 183 8.94 -10.92 8.08
C ASP B 183 8.99 -11.02 6.56
N THR B 184 9.13 -12.25 6.04
CA THR B 184 9.06 -12.52 4.61
C THR B 184 8.01 -13.58 4.26
N ILE B 185 7.35 -13.41 3.11
CA ILE B 185 6.48 -14.46 2.58
C ILE B 185 7.04 -14.84 1.22
N THR B 186 7.38 -16.11 1.02
CA THR B 186 8.01 -16.51 -0.25
C THR B 186 6.99 -16.56 -1.38
N ALA B 187 7.46 -16.32 -2.61
CA ALA B 187 6.56 -16.17 -3.76
C ALA B 187 5.55 -17.33 -3.95
N ASN B 188 5.96 -18.55 -3.64
CA ASN B 188 5.10 -19.73 -3.78
C ASN B 188 3.78 -19.66 -3.01
N ARG B 189 3.74 -18.84 -1.97
CA ARG B 189 2.54 -18.74 -1.17
C ARG B 189 1.81 -17.45 -1.54
N VAL B 190 2.37 -16.74 -2.51
CA VAL B 190 1.88 -15.42 -2.92
C VAL B 190 1.33 -15.40 -4.35
N VAL B 191 2.10 -15.90 -5.30
CA VAL B 191 1.72 -15.79 -6.71
C VAL B 191 1.74 -17.13 -7.45
N LYS B 192 0.98 -17.17 -8.54
CA LYS B 192 0.96 -18.30 -9.47
C LYS B 192 0.78 -17.79 -10.89
N ASP B 193 1.17 -18.59 -11.88
CA ASP B 193 0.99 -18.20 -13.28
C ASP B 193 -0.48 -18.09 -13.65
#